data_2X15
#
_entry.id   2X15
#
_cell.length_a   38.730
_cell.length_b   91.750
_cell.length_c   108.310
_cell.angle_alpha   90.00
_cell.angle_beta   90.00
_cell.angle_gamma   90.00
#
_symmetry.space_group_name_H-M   'P 21 21 21'
#
loop_
_entity.id
_entity.type
_entity.pdbx_description
1 polymer 'PHOSPHOGLYCERATE KINASE 1'
2 non-polymer 'MAGNESIUM ION'
3 non-polymer "ADENOSINE-5'-DIPHOSPHATE"
4 non-polymer '1,3-BISPHOSPHOGLYCERIC ACID'
5 non-polymer '3-PHOSPHOGLYCERIC ACID'
6 non-polymer "ADENOSINE-5'-TRIPHOSPHATE"
7 water water
#
_entity_poly.entity_id   1
_entity_poly.type   'polypeptide(L)'
_entity_poly.pdbx_seq_one_letter_code
;SLSNKLTLDKLDVKGKRVVMRVDFNVPMKNNQITNNQRIKAAVPSIKFCLDNGAKSVVLMSHLGRPDGVPMPDKYSLEPV
AVELKSLLGKDVLFLKDCVGPEVEKACANPAAGSVILLENLRFHVEEEGKGKDASGNKVKAEPAKIEAFRASLSKLGDVY
VNDAFGTAHRAHSSMVGVNLPQKAGGFLMKKELNYFAKALESPERPFLAILGGAKVADKIQLINNMLDKVNEMIIGGGMA
FTFLKVLNNMEIGTSLFDEEGAKIVKDLMSKAEKNGVKITLPVDFVTADKFDENAKTGQATVASGIPAGWMGLDCGPESS
KKYAEAVTRAKQIVWNGPVGVFEWEAFARGTKALMDEVVKATSRGCITIIGGGDTATCCAKWNTEDKVSHVSTGGGASLE
LLEGKVLPGVDALSNI
;
_entity_poly.pdbx_strand_id   A
#
# COMPACT_ATOMS: atom_id res chain seq x y z
N LEU A 2 3.77 -18.75 -5.48
CA LEU A 2 3.93 -18.61 -6.96
C LEU A 2 4.41 -19.92 -7.58
N SER A 3 4.48 -20.98 -6.78
CA SER A 3 5.00 -22.27 -7.21
C SER A 3 4.42 -22.77 -8.53
N ASN A 4 3.11 -22.67 -8.71
CA ASN A 4 2.53 -23.06 -10.01
C ASN A 4 2.02 -21.86 -10.84
N LYS A 5 2.67 -20.71 -10.70
CA LYS A 5 2.41 -19.56 -11.59
C LYS A 5 3.62 -19.33 -12.49
N LEU A 6 3.40 -18.73 -13.66
CA LEU A 6 4.50 -18.30 -14.51
C LEU A 6 5.17 -17.16 -13.77
N THR A 7 6.50 -17.14 -13.78
CA THR A 7 7.26 -16.02 -13.21
C THR A 7 8.26 -15.52 -14.26
N LEU A 8 8.67 -14.26 -14.13
CA LEU A 8 9.54 -13.60 -15.11
C LEU A 8 10.79 -14.42 -15.50
N ASP A 9 11.39 -15.13 -14.55
CA ASP A 9 12.56 -15.98 -14.84
C ASP A 9 12.29 -17.14 -15.82
N LYS A 10 11.03 -17.45 -16.10
CA LYS A 10 10.71 -18.52 -17.07
C LYS A 10 10.04 -17.97 -18.33
N LEU A 11 10.09 -16.66 -18.52
CA LEU A 11 9.36 -15.99 -19.60
C LEU A 11 10.41 -15.62 -20.63
N ASP A 12 10.28 -16.11 -21.85
CA ASP A 12 11.21 -15.69 -22.90
C ASP A 12 10.77 -14.31 -23.35
N VAL A 13 11.56 -13.28 -23.02
CA VAL A 13 11.25 -11.89 -23.37
C VAL A 13 12.04 -11.36 -24.56
N LYS A 14 12.88 -12.20 -25.16
CA LYS A 14 13.77 -11.73 -26.21
C LYS A 14 12.98 -11.29 -27.45
N GLY A 15 13.15 -10.04 -27.85
CA GLY A 15 12.46 -9.45 -28.96
C GLY A 15 10.99 -9.12 -28.73
N LYS A 16 10.49 -9.40 -27.51
CA LYS A 16 9.08 -9.18 -27.14
C LYS A 16 8.88 -7.85 -26.45
N ARG A 17 7.72 -7.23 -26.71
CA ARG A 17 7.28 -6.08 -25.93
C ARG A 17 6.67 -6.56 -24.61
N VAL A 18 7.16 -6.03 -23.50
CA VAL A 18 6.68 -6.39 -22.19
C VAL A 18 5.82 -5.25 -21.63
N VAL A 19 4.53 -5.53 -21.39
CA VAL A 19 3.68 -4.59 -20.67
C VAL A 19 3.68 -5.07 -19.22
N MET A 20 3.97 -4.15 -18.28
CA MET A 20 4.27 -4.53 -16.90
C MET A 20 3.50 -3.64 -15.94
N ARG A 21 2.66 -4.24 -15.11
CA ARG A 21 1.98 -3.48 -14.07
C ARG A 21 2.97 -3.38 -12.92
N VAL A 22 3.15 -2.17 -12.44
CA VAL A 22 3.98 -1.91 -11.28
C VAL A 22 3.16 -1.08 -10.33
N ASP A 23 3.56 -1.03 -9.08
CA ASP A 23 2.97 -0.10 -8.14
C ASP A 23 3.96 1.05 -7.94
N PHE A 24 3.73 2.13 -8.69
CA PHE A 24 4.47 3.38 -8.59
C PHE A 24 3.62 4.42 -7.86
N ASN A 25 2.75 3.96 -6.97
CA ASN A 25 1.92 4.84 -6.14
C ASN A 25 2.72 5.38 -4.94
N VAL A 26 3.63 6.30 -5.24
CA VAL A 26 4.65 6.72 -4.31
C VAL A 26 4.15 7.92 -3.56
N PRO A 27 4.56 8.06 -2.30
CA PRO A 27 4.08 9.22 -1.56
C PRO A 27 4.65 10.52 -2.14
N MET A 28 3.87 11.59 -2.05
CA MET A 28 4.15 12.88 -2.66
C MET A 28 3.97 14.00 -1.65
N LYS A 29 4.80 15.03 -1.72
CA LYS A 29 4.67 16.19 -0.85
C LYS A 29 5.28 17.38 -1.57
N ASN A 30 4.59 18.52 -1.54
CA ASN A 30 4.99 19.66 -2.36
C ASN A 30 5.39 19.24 -3.78
N ASN A 31 4.54 18.42 -4.42
CA ASN A 31 4.78 17.97 -5.81
C ASN A 31 6.00 17.07 -6.04
N GLN A 32 6.62 16.62 -4.96
CA GLN A 32 7.90 15.90 -5.02
C GLN A 32 7.71 14.51 -4.42
N ILE A 33 8.47 13.54 -4.91
CA ILE A 33 8.43 12.18 -4.39
C ILE A 33 9.18 12.19 -3.07
N THR A 34 8.54 11.73 -1.99
CA THR A 34 9.18 11.74 -0.66
C THR A 34 9.92 10.43 -0.44
N ASN A 35 9.58 9.42 -1.23
CA ASN A 35 10.15 8.09 -1.10
C ASN A 35 10.11 7.32 -2.43
N ASN A 36 11.29 6.98 -2.96
CA ASN A 36 11.34 6.23 -4.20
C ASN A 36 11.40 4.69 -4.03
N GLN A 37 11.23 4.19 -2.79
CA GLN A 37 11.25 2.74 -2.48
C GLN A 37 10.47 1.87 -3.48
N ARG A 38 9.24 2.24 -3.76
CA ARG A 38 8.39 1.47 -4.68
C ARG A 38 8.93 1.48 -6.10
N ILE A 39 9.58 2.58 -6.49
CA ILE A 39 10.17 2.67 -7.82
C ILE A 39 11.42 1.77 -7.88
N LYS A 40 12.34 1.89 -6.91
CA LYS A 40 13.53 1.02 -6.87
C LYS A 40 13.16 -0.45 -6.85
N ALA A 41 12.05 -0.78 -6.17
CA ALA A 41 11.65 -2.19 -5.97
C ALA A 41 11.37 -2.91 -7.28
N ALA A 42 10.89 -2.17 -8.28
CA ALA A 42 10.57 -2.70 -9.63
C ALA A 42 11.79 -2.79 -10.56
N VAL A 43 12.89 -2.16 -10.18
CA VAL A 43 14.04 -2.07 -11.09
C VAL A 43 14.59 -3.44 -11.48
N PRO A 44 14.73 -4.37 -10.52
CA PRO A 44 15.29 -5.68 -10.94
C PRO A 44 14.50 -6.38 -12.05
N SER A 45 13.17 -6.34 -11.99
CA SER A 45 12.35 -6.90 -13.09
C SER A 45 12.55 -6.14 -14.39
N ILE A 46 12.57 -4.80 -14.32
CA ILE A 46 12.79 -3.97 -15.50
C ILE A 46 14.16 -4.24 -16.13
N LYS A 47 15.22 -4.29 -15.32
CA LYS A 47 16.57 -4.53 -15.85
C LYS A 47 16.70 -5.93 -16.45
N PHE A 48 16.11 -6.94 -15.80
CA PHE A 48 16.08 -8.30 -16.35
C PHE A 48 15.53 -8.31 -17.77
N CYS A 49 14.40 -7.66 -17.95
CA CYS A 49 13.73 -7.68 -19.25
C CYS A 49 14.65 -7.10 -20.31
N LEU A 50 15.26 -5.95 -19.99
CA LEU A 50 16.14 -5.25 -20.93
C LEU A 50 17.42 -6.02 -21.22
N ASP A 51 18.06 -6.55 -20.17
CA ASP A 51 19.27 -7.38 -20.34
C ASP A 51 18.99 -8.65 -21.13
N ASN A 52 17.79 -9.19 -21.02
CA ASN A 52 17.46 -10.40 -21.77
C ASN A 52 16.85 -10.15 -23.16
N GLY A 53 16.93 -8.92 -23.66
CA GLY A 53 16.55 -8.60 -25.05
C GLY A 53 15.07 -8.22 -25.26
N ALA A 54 14.40 -7.72 -24.23
CA ALA A 54 13.03 -7.19 -24.43
C ALA A 54 13.09 -6.07 -25.47
N LYS A 55 12.11 -6.03 -26.38
CA LYS A 55 12.02 -4.93 -27.35
C LYS A 55 11.73 -3.65 -26.60
N SER A 56 10.82 -3.76 -25.64
CA SER A 56 10.39 -2.64 -24.80
C SER A 56 9.83 -3.12 -23.46
N VAL A 57 9.77 -2.18 -22.53
CA VAL A 57 9.04 -2.36 -21.32
C VAL A 57 8.09 -1.19 -21.16
N VAL A 58 6.80 -1.48 -21.18
CA VAL A 58 5.80 -0.48 -20.98
C VAL A 58 5.31 -0.61 -19.54
N LEU A 59 5.53 0.44 -18.75
CA LEU A 59 5.16 0.43 -17.33
C LEU A 59 3.84 1.14 -17.15
N MET A 60 2.95 0.55 -16.34
CA MET A 60 1.70 1.20 -15.99
C MET A 60 1.41 1.09 -14.50
N SER A 61 0.88 2.16 -13.94
CA SER A 61 0.56 2.19 -12.52
C SER A 61 -0.54 3.21 -12.28
N HIS A 62 -1.10 3.19 -11.08
CA HIS A 62 -1.94 4.28 -10.63
C HIS A 62 -1.09 5.12 -9.68
N LEU A 63 -1.64 6.26 -9.28
CA LEU A 63 -1.03 7.13 -8.28
C LEU A 63 -2.18 7.82 -7.58
N GLY A 64 -2.29 7.64 -6.27
CA GLY A 64 -3.36 8.30 -5.51
C GLY A 64 -4.73 7.74 -5.85
N ARG A 65 -5.77 8.48 -5.49
CA ARG A 65 -7.14 8.07 -5.81
C ARG A 65 -7.87 9.19 -6.54
N PRO A 66 -7.54 9.38 -7.83
CA PRO A 66 -8.22 10.40 -8.61
C PRO A 66 -9.65 9.99 -9.00
N ASP A 67 -10.01 8.73 -8.79
CA ASP A 67 -11.38 8.26 -8.94
C ASP A 67 -11.95 8.47 -10.33
N GLY A 68 -11.16 8.19 -11.37
CA GLY A 68 -11.66 8.18 -12.75
C GLY A 68 -11.67 9.50 -13.53
N VAL A 69 -11.21 10.58 -12.91
CA VAL A 69 -11.12 11.89 -13.57
C VAL A 69 -9.64 12.11 -13.88
N PRO A 70 -9.31 12.70 -15.05
CA PRO A 70 -7.91 13.08 -15.24
C PRO A 70 -7.52 14.24 -14.35
N MET A 71 -6.38 14.11 -13.69
CA MET A 71 -5.93 15.11 -12.70
C MET A 71 -4.40 15.25 -12.73
N PRO A 72 -3.85 15.63 -13.89
CA PRO A 72 -2.39 15.67 -14.03
C PRO A 72 -1.77 16.72 -13.12
N ASP A 73 -2.53 17.79 -12.84
CA ASP A 73 -2.12 18.80 -11.89
C ASP A 73 -1.72 18.23 -10.54
N LYS A 74 -2.45 17.24 -10.04
CA LYS A 74 -2.15 16.65 -8.72
C LYS A 74 -1.59 15.22 -8.74
N TYR A 75 -1.99 14.43 -9.74
CA TYR A 75 -1.73 12.97 -9.70
C TYR A 75 -1.03 12.41 -10.96
N SER A 76 -0.24 13.24 -11.64
CA SER A 76 0.53 12.75 -12.78
C SER A 76 1.68 11.85 -12.33
N LEU A 77 1.95 10.80 -13.11
CA LEU A 77 3.13 9.99 -12.91
C LEU A 77 4.39 10.58 -13.56
N GLU A 78 4.32 11.80 -14.09
CA GLU A 78 5.48 12.39 -14.77
C GLU A 78 6.72 12.45 -13.89
N PRO A 79 6.56 12.91 -12.63
CA PRO A 79 7.73 12.94 -11.72
C PRO A 79 8.36 11.57 -11.46
N VAL A 80 7.57 10.51 -11.58
CA VAL A 80 8.09 9.15 -11.47
C VAL A 80 8.99 8.77 -12.67
N ALA A 81 8.60 9.20 -13.86
CA ALA A 81 9.41 8.95 -15.06
C ALA A 81 10.79 9.58 -14.90
N VAL A 82 10.82 10.80 -14.37
CA VAL A 82 12.07 11.52 -14.13
C VAL A 82 12.91 10.74 -13.13
N GLU A 83 12.26 10.27 -12.07
CA GLU A 83 12.91 9.48 -11.04
C GLU A 83 13.36 8.11 -11.52
N LEU A 84 12.55 7.45 -12.35
CA LEU A 84 12.91 6.13 -12.88
C LEU A 84 14.20 6.19 -13.72
N LYS A 85 14.36 7.28 -14.48
CA LYS A 85 15.56 7.51 -15.29
C LYS A 85 16.88 7.39 -14.51
N SER A 86 16.98 8.07 -13.38
CA SER A 86 18.18 7.99 -12.54
C SER A 86 18.41 6.57 -12.02
N LEU A 87 17.35 5.90 -11.60
CA LEU A 87 17.47 4.57 -11.01
C LEU A 87 17.88 3.52 -12.05
N LEU A 88 17.35 3.64 -13.26
CA LEU A 88 17.67 2.69 -14.33
C LEU A 88 18.98 2.98 -15.04
N GLY A 89 19.32 4.26 -15.17
CA GLY A 89 20.41 4.68 -16.04
C GLY A 89 20.04 4.59 -17.52
N LYS A 90 18.73 4.62 -17.79
CA LYS A 90 18.18 4.67 -19.14
C LYS A 90 17.17 5.81 -19.19
N ASP A 91 16.90 6.36 -20.37
CA ASP A 91 15.77 7.31 -20.49
C ASP A 91 14.48 6.51 -20.50
N VAL A 92 13.38 7.19 -20.19
CA VAL A 92 12.05 6.60 -20.22
C VAL A 92 11.11 7.60 -20.88
N LEU A 93 10.38 7.16 -21.90
CA LEU A 93 9.41 8.01 -22.58
C LEU A 93 8.15 8.02 -21.75
N PHE A 94 7.76 9.20 -21.27
CA PHE A 94 6.53 9.33 -20.53
C PHE A 94 5.38 9.72 -21.46
N LEU A 95 4.30 8.96 -21.43
CA LEU A 95 3.13 9.27 -22.23
C LEU A 95 2.02 9.87 -21.35
N LYS A 96 1.25 10.78 -21.91
CA LYS A 96 0.28 11.55 -21.15
C LYS A 96 -1.08 10.86 -21.05
N ASP A 97 -1.18 9.64 -21.57
CA ASP A 97 -2.35 8.81 -21.35
C ASP A 97 -1.87 7.37 -21.22
N CYS A 98 -2.78 6.45 -20.93
CA CYS A 98 -2.46 5.02 -20.83
C CYS A 98 -3.15 4.15 -21.86
N VAL A 99 -4.17 4.71 -22.52
CA VAL A 99 -4.94 4.09 -23.61
C VAL A 99 -5.35 5.25 -24.55
N GLY A 100 -5.83 5.07 -25.77
CA GLY A 100 -5.54 3.97 -26.66
C GLY A 100 -4.80 4.49 -27.91
N PRO A 101 -5.51 5.04 -28.92
CA PRO A 101 -4.95 5.13 -30.28
C PRO A 101 -3.51 5.62 -30.40
N GLU A 102 -3.21 6.75 -29.77
CA GLU A 102 -1.88 7.33 -29.84
C GLU A 102 -0.91 6.68 -28.83
N VAL A 103 -1.41 6.27 -27.68
CA VAL A 103 -0.57 5.46 -26.76
C VAL A 103 -0.24 4.12 -27.46
N GLU A 104 -1.24 3.52 -28.09
CA GLU A 104 -1.05 2.29 -28.85
C GLU A 104 -0.03 2.46 -29.98
N LYS A 105 -0.10 3.58 -30.69
CA LYS A 105 0.86 3.86 -31.75
C LYS A 105 2.29 3.92 -31.15
N ALA A 106 2.44 4.65 -30.06
CA ALA A 106 3.75 4.83 -29.41
C ALA A 106 4.38 3.51 -28.92
N CYS A 107 3.53 2.57 -28.52
CA CYS A 107 3.96 1.26 -28.01
C CYS A 107 3.96 0.13 -29.07
N ALA A 108 3.44 0.41 -30.25
CA ALA A 108 3.23 -0.62 -31.28
C ALA A 108 4.50 -1.37 -31.64
N ASN A 109 5.55 -0.59 -31.90
CA ASN A 109 6.80 -1.13 -32.40
C ASN A 109 7.96 -0.21 -32.00
N PRO A 110 8.27 -0.15 -30.70
CA PRO A 110 9.29 0.79 -30.25
C PRO A 110 10.72 0.35 -30.61
N ALA A 111 11.67 1.28 -30.55
CA ALA A 111 13.07 0.93 -30.75
C ALA A 111 13.54 -0.04 -29.66
N ALA A 112 14.59 -0.79 -29.97
CA ALA A 112 15.12 -1.83 -29.11
C ALA A 112 15.54 -1.27 -27.76
N GLY A 113 14.96 -1.81 -26.70
CA GLY A 113 15.33 -1.42 -25.35
C GLY A 113 14.56 -0.24 -24.81
N SER A 114 13.48 0.14 -25.49
CA SER A 114 12.67 1.29 -25.05
C SER A 114 12.02 1.01 -23.72
N VAL A 115 12.12 1.97 -22.80
CA VAL A 115 11.35 1.91 -21.57
C VAL A 115 10.33 3.05 -21.63
N ILE A 116 9.07 2.71 -21.38
CA ILE A 116 8.00 3.68 -21.56
C ILE A 116 7.13 3.67 -20.29
N LEU A 117 6.79 4.87 -19.78
CA LEU A 117 5.92 4.99 -18.61
C LEU A 117 4.63 5.67 -19.01
N LEU A 118 3.50 5.00 -18.75
CA LEU A 118 2.18 5.54 -19.08
C LEU A 118 1.66 6.41 -17.95
N GLU A 119 0.66 7.21 -18.27
CA GLU A 119 0.05 8.08 -17.26
C GLU A 119 -0.86 7.27 -16.33
N ASN A 120 -1.13 7.85 -15.17
CA ASN A 120 -2.04 7.35 -14.15
C ASN A 120 -3.26 6.56 -14.64
N LEU A 121 -3.27 5.25 -14.40
CA LEU A 121 -4.37 4.41 -14.85
C LEU A 121 -5.72 4.92 -14.35
N ARG A 122 -5.76 5.44 -13.13
CA ARG A 122 -7.01 5.81 -12.50
C ARG A 122 -7.62 7.14 -12.98
N PHE A 123 -6.96 7.81 -13.92
CA PHE A 123 -7.62 8.90 -14.66
C PHE A 123 -8.76 8.39 -15.54
N HIS A 124 -8.84 7.07 -15.73
CA HIS A 124 -9.96 6.43 -16.43
C HIS A 124 -10.79 5.60 -15.47
N VAL A 125 -12.11 5.79 -15.50
CA VAL A 125 -12.99 5.11 -14.57
C VAL A 125 -12.95 3.60 -14.77
N GLU A 126 -12.53 3.15 -15.95
CA GLU A 126 -12.51 1.75 -16.27
C GLU A 126 -11.43 0.92 -15.54
N GLU A 127 -10.44 1.59 -14.94
CA GLU A 127 -9.42 0.87 -14.18
C GLU A 127 -10.06 0.25 -12.93
N GLU A 128 -10.85 1.02 -12.17
CA GLU A 128 -11.46 0.52 -10.91
C GLU A 128 -12.74 -0.36 -10.91
N GLY A 129 -13.63 -0.37 -11.89
CA GLY A 129 -14.03 0.70 -12.70
C GLY A 129 -15.31 1.24 -12.10
N LYS A 130 -15.11 2.04 -11.07
CA LYS A 130 -16.10 2.93 -10.56
C LYS A 130 -15.31 4.13 -10.07
N GLY A 131 -16.01 5.22 -9.78
CA GLY A 131 -15.38 6.39 -9.20
C GLY A 131 -16.37 7.54 -9.17
N LYS A 132 -15.92 8.75 -9.46
CA LYS A 132 -16.83 9.87 -9.63
C LYS A 132 -16.37 10.87 -10.68
N LYS A 140 -19.02 3.80 -11.36
CA LYS A 140 -20.17 4.15 -12.16
C LYS A 140 -19.94 3.78 -13.65
N ALA A 141 -19.16 2.73 -13.92
CA ALA A 141 -18.60 2.49 -15.28
C ALA A 141 -19.20 1.32 -16.09
N GLU A 142 -19.23 1.48 -17.41
CA GLU A 142 -19.89 0.55 -18.35
C GLU A 142 -18.98 -0.63 -18.79
N PRO A 143 -19.49 -1.88 -18.71
CA PRO A 143 -18.70 -3.07 -19.02
C PRO A 143 -18.08 -3.05 -20.41
N ALA A 144 -18.85 -2.61 -21.41
CA ALA A 144 -18.34 -2.52 -22.77
C ALA A 144 -17.08 -1.65 -22.82
N LYS A 145 -17.11 -0.51 -22.11
CA LYS A 145 -15.93 0.37 -22.02
C LYS A 145 -14.81 -0.24 -21.19
N ILE A 146 -15.19 -0.95 -20.12
CA ILE A 146 -14.21 -1.66 -19.29
C ILE A 146 -13.45 -2.66 -20.18
N GLU A 147 -14.19 -3.42 -20.99
CA GLU A 147 -13.64 -4.36 -21.98
C GLU A 147 -12.67 -3.68 -22.98
N ALA A 148 -13.09 -2.53 -23.50
CA ALA A 148 -12.29 -1.75 -24.45
C ALA A 148 -11.01 -1.24 -23.80
N PHE A 149 -11.12 -0.76 -22.56
CA PHE A 149 -9.98 -0.28 -21.78
C PHE A 149 -8.93 -1.38 -21.65
N ARG A 150 -9.41 -2.56 -21.28
CA ARG A 150 -8.55 -3.73 -21.14
C ARG A 150 -7.92 -4.17 -22.44
N ALA A 151 -8.68 -4.17 -23.52
CA ALA A 151 -8.15 -4.52 -24.84
C ALA A 151 -7.01 -3.56 -25.22
N SER A 152 -7.21 -2.27 -24.98
CA SER A 152 -6.21 -1.24 -25.28
C SER A 152 -4.90 -1.49 -24.54
N LEU A 153 -4.97 -1.65 -23.21
CA LEU A 153 -3.78 -2.02 -22.42
C LEU A 153 -3.08 -3.25 -22.96
N SER A 154 -3.85 -4.28 -23.33
CA SER A 154 -3.31 -5.55 -23.88
C SER A 154 -2.53 -5.40 -25.17
N LYS A 155 -2.88 -4.40 -25.97
CA LYS A 155 -2.22 -4.12 -27.24
C LYS A 155 -0.78 -3.62 -27.03
N LEU A 156 -0.52 -3.05 -25.85
CA LEU A 156 0.74 -2.35 -25.56
C LEU A 156 1.94 -3.28 -25.31
N GLY A 157 1.68 -4.58 -25.24
CA GLY A 157 2.73 -5.58 -25.06
C GLY A 157 2.38 -6.90 -25.72
N ASP A 158 3.40 -7.73 -25.94
CA ASP A 158 3.23 -9.10 -26.43
C ASP A 158 3.16 -10.09 -25.27
N VAL A 159 3.85 -9.77 -24.18
CA VAL A 159 3.79 -10.55 -22.96
C VAL A 159 3.52 -9.57 -21.79
N TYR A 160 3.02 -10.10 -20.67
CA TYR A 160 2.59 -9.26 -19.52
C TYR A 160 3.28 -9.73 -18.26
N VAL A 161 3.71 -8.76 -17.45
CA VAL A 161 4.34 -9.01 -16.16
C VAL A 161 3.62 -8.17 -15.14
N ASN A 162 3.27 -8.79 -14.02
CA ASN A 162 2.76 -8.01 -12.90
C ASN A 162 3.78 -8.00 -11.79
N ASP A 163 4.40 -6.85 -11.56
CA ASP A 163 5.28 -6.68 -10.43
C ASP A 163 4.68 -5.75 -9.39
N ALA A 164 3.38 -5.46 -9.51
CA ALA A 164 2.73 -4.51 -8.61
C ALA A 164 2.28 -5.16 -7.26
N PHE A 165 3.23 -5.59 -6.44
CA PHE A 165 2.83 -6.26 -5.16
C PHE A 165 1.93 -5.37 -4.31
N GLY A 166 2.25 -4.09 -4.27
CA GLY A 166 1.53 -3.13 -3.44
C GLY A 166 0.08 -2.94 -3.82
N THR A 167 -0.27 -3.36 -5.03
CA THR A 167 -1.61 -3.24 -5.59
C THR A 167 -2.27 -4.60 -5.81
N ALA A 168 -1.60 -5.68 -5.42
CA ALA A 168 -2.05 -7.05 -5.77
C ALA A 168 -3.40 -7.44 -5.20
N HIS A 169 -3.81 -6.78 -4.13
CA HIS A 169 -5.14 -6.97 -3.56
C HIS A 169 -6.27 -6.37 -4.41
N ARG A 170 -5.95 -5.62 -5.45
CA ARG A 170 -6.99 -4.92 -6.23
C ARG A 170 -7.24 -5.64 -7.55
N ALA A 171 -8.46 -6.13 -7.71
CA ALA A 171 -8.88 -6.76 -8.96
C ALA A 171 -9.27 -5.67 -9.95
N HIS A 172 -8.35 -4.78 -10.29
CA HIS A 172 -8.62 -3.71 -11.24
C HIS A 172 -8.15 -4.16 -12.64
N SER A 173 -8.57 -3.42 -13.67
CA SER A 173 -8.38 -3.82 -15.06
C SER A 173 -6.93 -4.15 -15.39
N SER A 174 -6.00 -3.32 -14.90
CA SER A 174 -4.57 -3.44 -15.22
C SER A 174 -3.92 -4.63 -14.50
N MET A 175 -4.59 -5.10 -13.44
CA MET A 175 -4.09 -6.17 -12.58
C MET A 175 -4.69 -7.55 -12.89
N VAL A 176 -5.95 -7.60 -13.32
CA VAL A 176 -6.59 -8.88 -13.61
C VAL A 176 -7.18 -9.00 -15.01
N GLY A 177 -7.15 -7.93 -15.80
CA GLY A 177 -7.90 -7.93 -17.05
C GLY A 177 -7.06 -7.81 -18.29
N VAL A 178 -5.75 -7.99 -18.22
CA VAL A 178 -4.91 -7.94 -19.41
C VAL A 178 -4.96 -9.31 -20.09
N ASN A 179 -5.39 -9.32 -21.35
CA ASN A 179 -5.51 -10.52 -22.16
C ASN A 179 -4.26 -10.76 -23.01
N LEU A 180 -3.23 -11.33 -22.41
CA LEU A 180 -2.12 -11.81 -23.21
C LEU A 180 -1.92 -13.26 -22.82
N PRO A 181 -1.35 -14.06 -23.73
CA PRO A 181 -1.22 -15.49 -23.42
C PRO A 181 -0.13 -15.85 -22.38
N GLN A 182 0.69 -14.89 -21.99
CA GLN A 182 1.68 -15.15 -21.00
C GLN A 182 1.61 -14.02 -20.01
N LYS A 183 1.20 -14.35 -18.79
CA LYS A 183 1.07 -13.40 -17.71
C LYS A 183 1.93 -13.89 -16.54
N ALA A 184 3.06 -13.22 -16.32
CA ALA A 184 4.07 -13.67 -15.38
C ALA A 184 4.22 -12.71 -14.19
N GLY A 185 4.45 -13.28 -13.01
CA GLY A 185 4.76 -12.47 -11.84
C GLY A 185 6.22 -12.05 -11.91
N GLY A 186 6.48 -10.79 -11.60
CA GLY A 186 7.83 -10.26 -11.61
C GLY A 186 8.60 -10.61 -10.35
N PHE A 187 9.83 -10.12 -10.26
CA PHE A 187 10.71 -10.50 -9.17
C PHE A 187 10.34 -9.87 -7.82
N LEU A 188 9.76 -8.67 -7.83
CA LEU A 188 9.28 -8.07 -6.58
C LEU A 188 8.05 -8.83 -6.02
N MET A 189 7.11 -9.15 -6.89
CA MET A 189 5.95 -9.93 -6.51
C MET A 189 6.44 -11.24 -5.86
N LYS A 190 7.40 -11.90 -6.50
CA LYS A 190 7.99 -13.16 -5.98
C LYS A 190 8.64 -13.00 -4.61
N LYS A 191 9.54 -12.03 -4.49
CA LYS A 191 10.29 -11.77 -3.26
C LYS A 191 9.32 -11.50 -2.10
N GLU A 192 8.36 -10.62 -2.32
CA GLU A 192 7.38 -10.26 -1.29
C GLU A 192 6.53 -11.46 -0.89
N LEU A 193 6.00 -12.21 -1.86
CA LEU A 193 5.15 -13.38 -1.55
C LEU A 193 5.92 -14.48 -0.84
N ASN A 194 7.15 -14.76 -1.31
CA ASN A 194 8.00 -15.73 -0.64
C ASN A 194 8.28 -15.32 0.81
N TYR A 195 8.56 -14.04 1.04
CA TYR A 195 8.93 -13.61 2.39
C TYR A 195 7.76 -13.86 3.33
N PHE A 196 6.59 -13.33 2.96
CA PHE A 196 5.37 -13.53 3.73
C PHE A 196 4.96 -15.00 3.89
N ALA A 197 5.11 -15.80 2.83
CA ALA A 197 4.87 -17.25 2.92
C ALA A 197 5.62 -17.82 4.12
N LYS A 198 6.91 -17.50 4.23
CA LYS A 198 7.75 -17.94 5.32
C LYS A 198 7.34 -17.34 6.67
N ALA A 199 7.15 -16.04 6.71
CA ALA A 199 6.84 -15.35 7.95
C ALA A 199 5.47 -15.73 8.53
N LEU A 200 4.53 -16.04 7.65
CA LEU A 200 3.14 -16.28 8.04
C LEU A 200 2.84 -17.76 8.26
N GLU A 201 3.76 -18.63 7.86
CA GLU A 201 3.59 -20.07 8.06
C GLU A 201 3.40 -20.46 9.52
N SER A 202 4.34 -20.10 10.37
CA SER A 202 4.26 -20.40 11.79
C SER A 202 4.82 -19.20 12.52
N PRO A 203 4.04 -18.13 12.59
CA PRO A 203 4.60 -16.92 13.14
C PRO A 203 5.11 -17.12 14.55
N GLU A 204 6.11 -16.33 14.92
CA GLU A 204 6.55 -16.28 16.30
C GLU A 204 5.42 -15.66 17.13
N ARG A 205 5.27 -16.09 18.38
CA ARG A 205 4.15 -15.63 19.18
C ARG A 205 4.59 -15.15 20.55
N PRO A 206 3.91 -14.11 21.09
CA PRO A 206 2.76 -13.35 20.57
C PRO A 206 3.02 -12.63 19.23
N PHE A 207 2.06 -12.74 18.32
CA PHE A 207 2.08 -12.10 17.00
C PHE A 207 1.18 -10.86 17.07
N LEU A 208 1.79 -9.68 16.95
CA LEU A 208 1.08 -8.41 17.03
C LEU A 208 0.89 -7.82 15.64
N ALA A 209 -0.36 -7.46 15.33
CA ALA A 209 -0.64 -6.59 14.19
C ALA A 209 -0.83 -5.15 14.69
N ILE A 210 -0.22 -4.21 14.00
CA ILE A 210 -0.40 -2.79 14.27
C ILE A 210 -1.05 -2.21 13.05
N LEU A 211 -2.25 -1.67 13.22
CA LEU A 211 -3.05 -1.15 12.14
C LEU A 211 -3.40 0.31 12.43
N GLY A 212 -2.90 1.21 11.59
CA GLY A 212 -3.22 2.62 11.67
C GLY A 212 -3.56 3.16 10.30
N GLY A 213 -3.08 4.37 10.01
CA GLY A 213 -3.28 4.96 8.69
C GLY A 213 -4.62 5.65 8.54
N ALA A 214 -4.98 5.92 7.28
CA ALA A 214 -6.15 6.72 6.95
C ALA A 214 -7.15 6.01 6.05
N LYS A 215 -6.83 4.80 5.58
CA LYS A 215 -7.78 4.04 4.73
C LYS A 215 -8.73 3.21 5.59
N VAL A 216 -9.58 3.92 6.35
CA VAL A 216 -10.40 3.28 7.36
C VAL A 216 -11.48 2.40 6.71
N ALA A 217 -12.22 2.96 5.76
CA ALA A 217 -13.33 2.24 5.12
C ALA A 217 -12.84 0.86 4.65
N ASP A 218 -11.69 0.85 3.98
CA ASP A 218 -11.08 -0.38 3.51
C ASP A 218 -10.53 -1.29 4.58
N LYS A 219 -9.69 -0.76 5.44
CA LYS A 219 -8.87 -1.63 6.27
C LYS A 219 -9.60 -2.13 7.54
N ILE A 220 -10.61 -1.39 7.97
CA ILE A 220 -11.51 -1.90 8.98
C ILE A 220 -12.16 -3.23 8.56
N GLN A 221 -12.37 -3.45 7.26
CA GLN A 221 -12.98 -4.68 6.79
C GLN A 221 -12.00 -5.85 6.79
N LEU A 222 -10.74 -5.62 7.12
CA LEU A 222 -9.75 -6.68 7.12
C LEU A 222 -9.58 -7.30 8.51
N ILE A 223 -10.06 -6.62 9.54
CA ILE A 223 -9.77 -7.01 10.91
C ILE A 223 -10.40 -8.35 11.28
N ASN A 224 -11.63 -8.58 10.82
CA ASN A 224 -12.34 -9.82 11.14
C ASN A 224 -11.48 -11.07 10.91
N ASN A 225 -10.95 -11.21 9.69
CA ASN A 225 -10.12 -12.35 9.36
C ASN A 225 -8.76 -12.32 10.06
N MET A 226 -8.22 -11.13 10.27
CA MET A 226 -6.93 -10.99 10.94
C MET A 226 -7.04 -11.50 12.38
N LEU A 227 -8.25 -11.44 12.95
CA LEU A 227 -8.43 -11.79 14.34
C LEU A 227 -8.31 -13.30 14.56
N ASP A 228 -8.30 -14.08 13.47
CA ASP A 228 -8.07 -15.52 13.57
C ASP A 228 -6.58 -15.86 13.48
N LYS A 229 -5.72 -14.86 13.25
CA LYS A 229 -4.30 -15.11 13.00
C LYS A 229 -3.37 -14.52 14.05
N VAL A 230 -3.76 -13.43 14.70
CA VAL A 230 -2.87 -12.69 15.60
C VAL A 230 -3.26 -12.89 17.06
N ASN A 231 -2.35 -12.54 17.96
CA ASN A 231 -2.59 -12.58 19.41
C ASN A 231 -2.84 -11.21 20.03
N GLU A 232 -2.38 -10.15 19.37
CA GLU A 232 -2.70 -8.78 19.79
C GLU A 232 -2.89 -7.90 18.57
N MET A 233 -3.58 -6.78 18.78
CA MET A 233 -3.68 -5.81 17.72
C MET A 233 -3.69 -4.44 18.34
N ILE A 234 -2.76 -3.58 17.90
CA ILE A 234 -2.91 -2.14 18.14
C ILE A 234 -3.76 -1.58 17.01
N ILE A 235 -4.78 -0.80 17.36
CA ILE A 235 -5.61 -0.10 16.39
C ILE A 235 -5.41 1.39 16.63
N GLY A 236 -4.63 2.03 15.77
CA GLY A 236 -4.26 3.42 15.98
C GLY A 236 -4.51 4.28 14.78
N GLY A 237 -3.83 5.42 14.75
CA GLY A 237 -3.95 6.34 13.65
C GLY A 237 -5.38 6.73 13.46
N GLY A 238 -5.79 6.86 12.19
CA GLY A 238 -7.14 7.26 11.86
C GLY A 238 -8.16 6.16 12.13
N MET A 239 -7.69 4.92 12.22
CA MET A 239 -8.56 3.77 12.47
C MET A 239 -9.28 3.85 13.82
N ALA A 240 -8.61 4.37 14.84
CA ALA A 240 -9.07 4.27 16.21
C ALA A 240 -10.39 4.98 16.49
N PHE A 241 -10.68 6.06 15.77
CA PHE A 241 -11.82 6.94 16.14
C PHE A 241 -13.17 6.28 15.94
N THR A 242 -13.29 5.49 14.88
CA THR A 242 -14.51 4.68 14.65
C THR A 242 -14.77 3.75 15.85
N PHE A 243 -13.72 3.11 16.34
CA PHE A 243 -13.84 2.20 17.49
C PHE A 243 -14.18 2.90 18.78
N LEU A 244 -13.46 3.99 19.06
CA LEU A 244 -13.62 4.71 20.30
C LEU A 244 -15.02 5.32 20.39
N LYS A 245 -15.55 5.80 19.26
CA LYS A 245 -16.88 6.43 19.25
C LYS A 245 -17.99 5.42 19.57
N VAL A 246 -17.88 4.23 19.00
CA VAL A 246 -18.87 3.20 19.19
C VAL A 246 -18.73 2.60 20.60
N LEU A 247 -17.50 2.29 21.02
CA LEU A 247 -17.31 1.62 22.32
C LEU A 247 -17.48 2.58 23.52
N ASN A 248 -16.86 3.76 23.46
CA ASN A 248 -16.81 4.63 24.64
C ASN A 248 -17.62 5.89 24.46
N ASN A 249 -18.39 5.99 23.39
CA ASN A 249 -19.17 7.20 23.11
C ASN A 249 -18.32 8.44 23.22
N MET A 250 -17.09 8.33 22.75
CA MET A 250 -16.14 9.40 22.77
C MET A 250 -16.54 10.40 21.71
N GLU A 251 -16.54 11.68 22.06
CA GLU A 251 -16.61 12.75 21.04
C GLU A 251 -15.31 12.71 20.23
N ILE A 252 -15.42 12.71 18.90
CA ILE A 252 -14.26 12.62 18.04
C ILE A 252 -14.09 13.84 17.11
N GLY A 253 -14.98 14.81 17.22
CA GLY A 253 -14.91 16.00 16.38
C GLY A 253 -14.98 15.60 14.91
N THR A 254 -14.08 16.13 14.10
CA THR A 254 -14.05 15.83 12.68
C THR A 254 -12.95 14.83 12.33
N SER A 255 -12.54 14.01 13.29
CA SER A 255 -11.55 12.95 13.04
C SER A 255 -12.10 11.90 12.09
N LEU A 256 -11.22 11.16 11.41
CA LEU A 256 -11.68 10.13 10.48
C LEU A 256 -12.72 9.20 11.14
N PHE A 257 -13.82 8.96 10.45
CA PHE A 257 -14.89 8.09 10.94
C PHE A 257 -15.51 7.32 9.79
N ASP A 258 -15.70 6.03 9.97
CA ASP A 258 -16.32 5.21 8.96
C ASP A 258 -17.67 4.69 9.46
N GLU A 259 -18.73 5.12 8.79
CA GLU A 259 -20.09 4.81 9.20
C GLU A 259 -20.40 3.30 9.09
N GLU A 260 -19.94 2.71 8.00
CA GLU A 260 -20.14 1.29 7.77
C GLU A 260 -19.39 0.46 8.81
N GLY A 261 -18.11 0.72 8.97
CA GLY A 261 -17.29 0.01 9.95
C GLY A 261 -17.77 0.14 11.38
N ALA A 262 -18.32 1.31 11.73
CA ALA A 262 -18.87 1.55 13.06
C ALA A 262 -19.87 0.46 13.43
N LYS A 263 -20.62 -0.01 12.43
CA LYS A 263 -21.59 -1.09 12.57
C LYS A 263 -21.05 -2.47 12.93
N ILE A 264 -19.77 -2.75 12.64
CA ILE A 264 -19.17 -4.05 12.93
C ILE A 264 -18.16 -4.01 14.09
N VAL A 265 -17.90 -2.83 14.66
CA VAL A 265 -16.95 -2.69 15.76
C VAL A 265 -17.30 -3.64 16.94
N LYS A 266 -18.57 -3.69 17.34
CA LYS A 266 -18.95 -4.53 18.48
C LYS A 266 -18.74 -6.01 18.15
N ASP A 267 -19.06 -6.41 16.93
CA ASP A 267 -18.77 -7.75 16.47
C ASP A 267 -17.26 -8.06 16.48
N LEU A 268 -16.44 -7.11 16.05
CA LEU A 268 -14.99 -7.35 16.01
C LEU A 268 -14.43 -7.52 17.43
N MET A 269 -14.93 -6.71 18.35
CA MET A 269 -14.49 -6.76 19.73
C MET A 269 -14.92 -8.08 20.40
N SER A 270 -16.14 -8.55 20.08
CA SER A 270 -16.60 -9.86 20.55
C SER A 270 -15.74 -10.99 20.04
N LYS A 271 -15.39 -10.94 18.76
CA LYS A 271 -14.55 -11.97 18.19
C LYS A 271 -13.15 -11.91 18.78
N ALA A 272 -12.63 -10.71 18.99
CA ALA A 272 -11.31 -10.51 19.61
C ALA A 272 -11.30 -11.15 21.00
N GLU A 273 -12.34 -10.87 21.79
CA GLU A 273 -12.42 -11.47 23.11
C GLU A 273 -12.52 -13.00 23.04
N LYS A 274 -13.34 -13.48 22.10
CA LYS A 274 -13.54 -14.92 21.89
C LYS A 274 -12.24 -15.59 21.43
N ASN A 275 -11.46 -14.89 20.60
CA ASN A 275 -10.19 -15.40 20.10
C ASN A 275 -9.00 -15.02 20.98
N GLY A 276 -9.24 -14.43 22.14
CA GLY A 276 -8.14 -13.98 23.00
C GLY A 276 -7.15 -12.99 22.40
N VAL A 277 -7.64 -12.08 21.57
CA VAL A 277 -6.79 -11.07 20.97
C VAL A 277 -6.90 -9.78 21.77
N LYS A 278 -5.82 -9.38 22.44
CA LYS A 278 -5.83 -8.13 23.21
C LYS A 278 -5.79 -6.93 22.27
N ILE A 279 -6.84 -6.13 22.31
CA ILE A 279 -6.93 -4.94 21.51
C ILE A 279 -6.40 -3.76 22.31
N THR A 280 -5.38 -3.08 21.77
CA THR A 280 -4.93 -1.80 22.32
C THR A 280 -5.34 -0.63 21.43
N LEU A 281 -6.21 0.23 21.97
CA LEU A 281 -6.63 1.49 21.36
C LEU A 281 -5.89 2.65 22.03
N PRO A 282 -5.80 3.81 21.36
CA PRO A 282 -5.17 4.98 22.03
C PRO A 282 -6.09 5.53 23.12
N VAL A 283 -5.49 6.24 24.08
CA VAL A 283 -6.21 6.86 25.21
C VAL A 283 -6.09 8.40 25.24
N ASP A 284 -5.21 8.95 24.41
CA ASP A 284 -4.98 10.39 24.34
C ASP A 284 -4.48 10.76 22.94
N PHE A 285 -4.46 12.06 22.65
CA PHE A 285 -4.29 12.54 21.29
C PHE A 285 -3.68 13.93 21.24
N VAL A 286 -2.96 14.16 20.14
CA VAL A 286 -2.70 15.51 19.69
C VAL A 286 -3.83 15.88 18.73
N THR A 287 -4.50 16.99 19.05
CA THR A 287 -5.60 17.47 18.23
C THR A 287 -5.15 18.67 17.37
N ALA A 288 -5.94 18.94 16.34
CA ALA A 288 -5.64 20.01 15.43
C ALA A 288 -6.96 20.67 15.11
N ASP A 289 -6.96 22.01 14.98
CA ASP A 289 -8.18 22.74 14.62
C ASP A 289 -8.51 22.67 13.13
N LYS A 290 -7.62 22.09 12.33
CA LYS A 290 -7.86 21.92 10.88
C LYS A 290 -6.87 20.90 10.35
N PHE A 291 -7.14 20.40 9.14
CA PHE A 291 -6.28 19.41 8.53
C PHE A 291 -5.15 20.12 7.76
N ASP A 292 -4.17 20.61 8.53
CA ASP A 292 -3.06 21.40 7.97
C ASP A 292 -1.82 21.23 8.84
N GLU A 293 -0.66 21.13 8.19
CA GLU A 293 0.66 21.10 8.85
C GLU A 293 0.81 22.16 9.94
N ASN A 294 0.30 23.36 9.70
CA ASN A 294 0.44 24.48 10.62
C ASN A 294 -0.83 24.78 11.38
N ALA A 295 -1.68 23.78 11.57
CA ALA A 295 -2.87 23.94 12.41
C ALA A 295 -2.48 24.29 13.84
N LYS A 296 -3.35 25.01 14.53
CA LYS A 296 -3.25 25.18 15.97
C LYS A 296 -3.50 23.81 16.56
N THR A 297 -2.72 23.44 17.57
CA THR A 297 -2.79 22.08 18.11
C THR A 297 -3.25 22.10 19.56
N GLY A 298 -3.72 20.95 20.03
CA GLY A 298 -4.21 20.79 21.40
C GLY A 298 -3.96 19.37 21.90
N GLN A 299 -4.45 19.07 23.10
CA GLN A 299 -4.37 17.73 23.67
C GLN A 299 -5.75 17.31 24.11
N ALA A 300 -6.04 16.02 23.97
CA ALA A 300 -7.30 15.45 24.42
C ALA A 300 -7.06 14.02 24.87
N THR A 301 -7.95 13.55 25.72
CA THR A 301 -8.00 12.15 26.11
C THR A 301 -9.36 11.61 25.70
N VAL A 302 -9.52 10.29 25.79
CA VAL A 302 -10.82 9.68 25.50
C VAL A 302 -11.90 10.25 26.41
N ALA A 303 -11.55 10.46 27.68
CA ALA A 303 -12.50 10.97 28.68
C ALA A 303 -12.94 12.41 28.38
N SER A 304 -12.00 13.24 27.90
CA SER A 304 -12.28 14.65 27.63
C SER A 304 -12.98 14.84 26.29
N GLY A 305 -12.76 13.91 25.36
CA GLY A 305 -13.23 14.08 24.00
C GLY A 305 -12.37 15.03 23.19
N ILE A 306 -12.61 15.05 21.89
CA ILE A 306 -12.01 16.00 20.99
C ILE A 306 -13.08 17.07 20.71
N PRO A 307 -12.73 18.36 20.86
CA PRO A 307 -13.80 19.37 20.73
C PRO A 307 -14.42 19.48 19.34
N ALA A 308 -15.54 20.19 19.26
CA ALA A 308 -16.26 20.42 18.01
C ALA A 308 -15.34 21.06 16.97
N GLY A 309 -15.29 20.45 15.79
CA GLY A 309 -14.49 20.97 14.70
C GLY A 309 -13.00 20.68 14.78
N TRP A 310 -12.52 20.05 15.85
CA TRP A 310 -11.11 19.64 15.90
C TRP A 310 -10.98 18.16 15.62
N MET A 311 -9.77 17.74 15.28
CA MET A 311 -9.51 16.37 14.89
C MET A 311 -8.24 15.78 15.51
N GLY A 312 -8.28 14.49 15.86
CA GLY A 312 -7.11 13.83 16.41
C GLY A 312 -6.20 13.39 15.30
N LEU A 313 -4.99 13.95 15.26
CA LEU A 313 -4.02 13.67 14.20
C LEU A 313 -2.77 12.92 14.68
N ASP A 314 -2.66 12.71 15.99
CA ASP A 314 -1.66 11.83 16.58
C ASP A 314 -2.21 11.33 17.91
N CYS A 315 -1.67 10.22 18.39
CA CYS A 315 -1.88 9.79 19.75
C CYS A 315 -0.96 10.59 20.67
N GLY A 316 -1.24 10.56 21.96
CA GLY A 316 -0.46 11.26 22.96
C GLY A 316 0.48 10.32 23.71
N PRO A 317 1.14 10.82 24.77
CA PRO A 317 2.17 10.02 25.45
C PRO A 317 1.65 8.78 26.16
N GLU A 318 0.45 8.84 26.73
CA GLU A 318 -0.13 7.67 27.41
C GLU A 318 -0.47 6.55 26.44
N SER A 319 -0.88 6.92 25.23
CA SER A 319 -1.09 5.95 24.17
C SER A 319 0.22 5.30 23.73
N SER A 320 1.26 6.11 23.51
CA SER A 320 2.61 5.61 23.17
C SER A 320 3.12 4.58 24.16
N LYS A 321 2.81 4.79 25.44
CA LYS A 321 3.23 3.88 26.51
C LYS A 321 2.52 2.54 26.37
N LYS A 322 1.20 2.59 26.17
CA LYS A 322 0.39 1.37 25.90
C LYS A 322 0.86 0.64 24.65
N TYR A 323 1.15 1.38 23.58
CA TYR A 323 1.69 0.79 22.35
C TYR A 323 3.04 0.07 22.57
N ALA A 324 3.93 0.74 23.29
CA ALA A 324 5.24 0.19 23.62
C ALA A 324 5.14 -1.11 24.42
N GLU A 325 4.17 -1.18 25.33
CA GLU A 325 3.91 -2.38 26.11
C GLU A 325 3.54 -3.59 25.24
N ALA A 326 2.65 -3.38 24.26
CA ALA A 326 2.26 -4.42 23.30
C ALA A 326 3.46 -4.86 22.48
N VAL A 327 4.27 -3.90 22.04
CA VAL A 327 5.48 -4.22 21.26
C VAL A 327 6.50 -4.98 22.11
N THR A 328 6.57 -4.68 23.39
CA THR A 328 7.51 -5.39 24.28
C THR A 328 7.13 -6.86 24.40
N ARG A 329 5.84 -7.16 24.44
CA ARG A 329 5.36 -8.54 24.50
C ARG A 329 5.50 -9.33 23.19
N ALA A 330 5.59 -8.64 22.06
CA ALA A 330 5.62 -9.31 20.73
C ALA A 330 6.93 -10.06 20.43
N LYS A 331 6.78 -11.23 19.81
CA LYS A 331 7.91 -11.88 19.15
C LYS A 331 7.81 -11.74 17.65
N GLN A 332 6.66 -11.35 17.14
CA GLN A 332 6.51 -11.03 15.71
C GLN A 332 5.51 -9.88 15.57
N ILE A 333 5.85 -8.90 14.71
CA ILE A 333 5.00 -7.74 14.45
C ILE A 333 4.83 -7.51 12.95
N VAL A 334 3.58 -7.24 12.54
CA VAL A 334 3.27 -6.73 11.21
C VAL A 334 2.59 -5.39 11.40
N TRP A 335 3.22 -4.35 10.87
CA TRP A 335 2.74 -2.97 11.04
C TRP A 335 2.44 -2.35 9.69
N ASN A 336 1.16 -2.01 9.50
CA ASN A 336 0.71 -1.16 8.41
C ASN A 336 -0.15 0.01 8.94
N GLY A 337 0.26 1.24 8.60
CA GLY A 337 -0.48 2.45 8.93
C GLY A 337 0.18 3.23 10.04
N PRO A 338 0.71 4.41 9.74
CA PRO A 338 1.28 5.27 10.81
C PRO A 338 0.22 5.59 11.86
N VAL A 339 0.62 5.81 13.11
CA VAL A 339 -0.37 6.07 14.16
C VAL A 339 -0.66 7.56 14.31
N GLY A 340 -0.06 8.37 13.44
CA GLY A 340 -0.50 9.75 13.27
C GLY A 340 -0.08 10.27 11.91
N VAL A 341 -0.40 11.53 11.66
CA VAL A 341 -0.04 12.18 10.41
C VAL A 341 1.43 12.56 10.50
N PHE A 342 2.26 11.55 10.35
CA PHE A 342 3.71 11.66 10.55
C PHE A 342 4.43 12.56 9.55
N GLU A 343 3.79 12.88 8.42
CA GLU A 343 4.37 13.75 7.40
C GLU A 343 4.53 15.20 7.87
N TRP A 344 3.76 15.54 8.93
CA TRP A 344 3.74 16.85 9.55
C TRP A 344 4.30 16.72 10.98
N GLU A 345 5.34 17.47 11.29
CA GLU A 345 6.09 17.28 12.54
C GLU A 345 5.26 17.41 13.80
N ALA A 346 4.27 18.31 13.79
CA ALA A 346 3.43 18.50 14.96
C ALA A 346 2.68 17.23 15.31
N PHE A 347 2.60 16.28 14.36
CA PHE A 347 1.83 15.08 14.55
C PHE A 347 2.64 13.81 14.28
N ALA A 348 3.97 13.91 14.31
CA ALA A 348 4.89 12.80 13.97
C ALA A 348 5.37 11.98 15.18
N ARG A 349 5.09 12.49 16.38
CA ARG A 349 5.76 12.03 17.61
C ARG A 349 5.35 10.60 17.98
N GLY A 350 4.05 10.35 17.96
CA GLY A 350 3.53 8.99 18.18
C GLY A 350 4.08 7.92 17.24
N THR A 351 4.23 8.23 15.96
CA THR A 351 4.75 7.26 15.00
C THR A 351 6.26 7.10 15.21
N LYS A 352 6.96 8.19 15.53
CA LYS A 352 8.39 8.12 15.77
C LYS A 352 8.68 7.24 16.99
N ALA A 353 7.90 7.43 18.05
CA ALA A 353 8.09 6.67 19.29
C ALA A 353 7.80 5.17 19.10
N LEU A 354 6.77 4.85 18.33
CA LEU A 354 6.46 3.45 18.02
C LEU A 354 7.59 2.82 17.21
N MET A 355 8.12 3.60 16.26
CA MET A 355 9.25 3.14 15.44
C MET A 355 10.45 2.76 16.30
N ASP A 356 10.76 3.61 17.28
CA ASP A 356 11.87 3.35 18.23
C ASP A 356 11.64 2.04 18.94
N GLU A 357 10.40 1.82 19.40
CA GLU A 357 10.04 0.58 20.10
C GLU A 357 10.18 -0.64 19.18
N VAL A 358 9.75 -0.49 17.93
CA VAL A 358 9.82 -1.58 16.94
C VAL A 358 11.29 -1.93 16.58
N VAL A 359 12.15 -0.91 16.50
CA VAL A 359 13.58 -1.13 16.29
C VAL A 359 14.25 -1.80 17.50
N LYS A 360 13.95 -1.31 18.71
CA LYS A 360 14.40 -1.96 19.94
C LYS A 360 14.02 -3.44 19.95
N ALA A 361 12.75 -3.71 19.65
CA ALA A 361 12.23 -5.09 19.59
C ALA A 361 13.00 -5.93 18.59
N THR A 362 13.25 -5.36 17.41
CA THR A 362 14.04 -6.07 16.42
C THR A 362 15.41 -6.47 17.00
N SER A 363 16.03 -5.57 17.76
CA SER A 363 17.39 -5.80 18.27
C SER A 363 17.51 -6.95 19.27
N ARG A 364 16.38 -7.36 19.86
CA ARG A 364 16.36 -8.49 20.79
C ARG A 364 15.64 -9.70 20.18
N GLY A 365 15.47 -9.69 18.86
CA GLY A 365 15.03 -10.87 18.13
C GLY A 365 13.56 -10.92 17.74
N CYS A 366 12.84 -9.82 17.89
CA CYS A 366 11.48 -9.76 17.38
C CYS A 366 11.53 -9.73 15.86
N ILE A 367 10.65 -10.47 15.21
CA ILE A 367 10.57 -10.42 13.76
C ILE A 367 9.61 -9.27 13.44
N THR A 368 10.11 -8.24 12.75
CA THR A 368 9.38 -6.97 12.61
C THR A 368 9.19 -6.66 11.13
N ILE A 369 7.92 -6.54 10.73
CA ILE A 369 7.56 -6.36 9.32
C ILE A 369 6.77 -5.06 9.23
N ILE A 370 7.30 -4.11 8.46
CA ILE A 370 6.67 -2.82 8.29
C ILE A 370 6.32 -2.71 6.83
N GLY A 371 5.05 -2.44 6.52
CA GLY A 371 4.62 -2.38 5.13
C GLY A 371 3.67 -1.26 4.80
N GLY A 372 3.72 -0.80 3.55
CA GLY A 372 2.81 0.20 3.01
C GLY A 372 3.52 1.35 2.34
N GLY A 373 2.83 2.05 1.46
CA GLY A 373 3.43 3.20 0.76
C GLY A 373 3.88 4.28 1.72
N ASP A 374 2.96 4.67 2.61
CA ASP A 374 3.25 5.66 3.63
C ASP A 374 4.01 5.10 4.84
N THR A 375 3.72 3.88 5.28
CA THR A 375 4.37 3.36 6.48
C THR A 375 5.86 3.07 6.25
N ALA A 376 6.20 2.65 5.03
CA ALA A 376 7.58 2.36 4.67
C ALA A 376 8.36 3.66 4.55
N THR A 377 7.65 4.76 4.31
CA THR A 377 8.25 6.08 4.28
C THR A 377 8.64 6.52 5.69
N CYS A 378 7.90 6.07 6.71
CA CYS A 378 8.37 6.24 8.09
C CYS A 378 9.78 5.71 8.26
N CYS A 379 10.04 4.51 7.72
CA CYS A 379 11.38 3.89 7.79
C CYS A 379 12.45 4.73 7.08
N ALA A 380 12.11 5.25 5.90
CA ALA A 380 13.01 6.11 5.14
C ALA A 380 13.30 7.37 5.91
N LYS A 381 12.25 8.00 6.42
CA LYS A 381 12.33 9.27 7.12
C LYS A 381 13.23 9.21 8.35
N TRP A 382 13.13 8.13 9.13
CA TRP A 382 13.91 8.01 10.37
C TRP A 382 15.05 7.01 10.21
N ASN A 383 15.31 6.60 8.98
CA ASN A 383 16.46 5.78 8.66
C ASN A 383 16.48 4.48 9.46
N THR A 384 15.35 3.80 9.49
CA THR A 384 15.24 2.51 10.17
C THR A 384 15.07 1.34 9.19
N GLU A 385 15.17 1.58 7.88
CA GLU A 385 14.96 0.52 6.88
C GLU A 385 15.81 -0.71 7.13
N ASP A 386 17.06 -0.53 7.52
CA ASP A 386 17.97 -1.65 7.84
C ASP A 386 17.88 -2.08 9.30
N LYS A 387 17.04 -1.40 10.09
CA LYS A 387 16.89 -1.69 11.51
C LYS A 387 15.62 -2.50 11.89
N VAL A 388 14.75 -2.78 10.92
CA VAL A 388 13.64 -3.73 11.13
C VAL A 388 13.89 -4.99 10.29
N SER A 389 13.06 -6.03 10.45
CA SER A 389 13.29 -7.30 9.73
C SER A 389 12.98 -7.20 8.23
N HIS A 390 11.92 -6.48 7.88
CA HIS A 390 11.45 -6.43 6.51
C HIS A 390 10.59 -5.20 6.37
N VAL A 391 10.90 -4.42 5.34
CA VAL A 391 10.09 -3.29 4.92
C VAL A 391 9.46 -3.73 3.61
N SER A 392 8.13 -3.79 3.56
CA SER A 392 7.45 -4.27 2.38
C SER A 392 6.85 -3.10 1.62
N THR A 393 6.82 -3.25 0.30
CA THR A 393 6.17 -2.27 -0.56
C THR A 393 4.64 -2.42 -0.50
N GLY A 394 4.15 -3.46 0.18
CA GLY A 394 2.71 -3.62 0.36
C GLY A 394 2.17 -3.29 1.75
N GLY A 395 1.03 -2.59 1.78
CA GLY A 395 0.35 -2.24 3.02
C GLY A 395 -0.93 -3.02 3.12
N GLY A 396 -2.00 -2.50 2.53
CA GLY A 396 -3.23 -3.28 2.32
C GLY A 396 -2.95 -4.69 1.79
N ALA A 397 -2.06 -4.80 0.81
CA ALA A 397 -1.78 -6.10 0.20
C ALA A 397 -1.21 -7.09 1.20
N SER A 398 -0.31 -6.61 2.06
CA SER A 398 0.26 -7.44 3.12
C SER A 398 -0.80 -7.85 4.15
N LEU A 399 -1.66 -6.93 4.53
CA LEU A 399 -2.76 -7.24 5.45
C LEU A 399 -3.69 -8.31 4.87
N GLU A 400 -3.89 -8.31 3.55
CA GLU A 400 -4.73 -9.37 2.96
C GLU A 400 -4.02 -10.73 2.92
N LEU A 401 -2.69 -10.74 2.80
CA LEU A 401 -1.93 -12.00 3.00
C LEU A 401 -2.06 -12.52 4.45
N LEU A 402 -1.93 -11.62 5.41
CA LEU A 402 -2.12 -11.99 6.83
C LEU A 402 -3.52 -12.60 7.06
N GLU A 403 -4.53 -12.04 6.39
CA GLU A 403 -5.88 -12.62 6.42
C GLU A 403 -5.93 -14.08 5.93
N GLY A 404 -5.01 -14.46 5.06
CA GLY A 404 -4.95 -15.82 4.49
C GLY A 404 -5.48 -15.89 3.06
N LYS A 405 -5.67 -14.70 2.45
CA LYS A 405 -6.25 -14.60 1.12
C LYS A 405 -5.19 -14.82 0.04
N VAL A 406 -5.63 -15.33 -1.12
CA VAL A 406 -4.87 -15.23 -2.36
C VAL A 406 -5.14 -13.84 -2.97
N LEU A 407 -4.11 -13.16 -3.41
CA LEU A 407 -4.27 -11.80 -3.95
C LEU A 407 -4.71 -11.88 -5.41
N PRO A 408 -5.76 -11.11 -5.80
CA PRO A 408 -6.26 -11.14 -7.19
C PRO A 408 -5.15 -10.99 -8.24
N GLY A 409 -4.21 -10.09 -8.02
CA GLY A 409 -3.14 -9.86 -8.98
C GLY A 409 -2.20 -11.04 -9.16
N VAL A 410 -2.08 -11.88 -8.12
CA VAL A 410 -1.34 -13.14 -8.24
C VAL A 410 -2.24 -14.21 -8.87
N ASP A 411 -3.49 -14.26 -8.43
CA ASP A 411 -4.47 -15.24 -8.95
C ASP A 411 -4.63 -15.16 -10.47
N ALA A 412 -4.58 -13.95 -11.04
CA ALA A 412 -4.78 -13.74 -12.50
C ALA A 412 -3.55 -14.09 -13.35
N LEU A 413 -2.43 -14.42 -12.73
CA LEU A 413 -1.23 -14.84 -13.47
C LEU A 413 -1.44 -16.21 -14.14
N SER A 414 -0.71 -16.47 -15.24
CA SER A 414 -0.77 -17.76 -15.90
C SER A 414 -0.30 -18.85 -14.93
N ASN A 415 -0.88 -20.04 -15.04
CA ASN A 415 -0.33 -21.22 -14.38
C ASN A 415 0.80 -21.78 -15.23
N ILE A 416 1.82 -22.35 -14.57
CA ILE A 416 3.00 -22.89 -15.27
C ILE A 416 2.54 -23.98 -16.23
#